data_7PL4
#
_entry.id   7PL4
#
_entity_poly.entity_id   1
_entity_poly.type   'polypeptide(L)'
_entity_poly.pdbx_seq_one_letter_code
;GGLHVLLTATPVGLTLLIVLAALGFFYGKKR
;
_entity_poly.pdbx_strand_id   A
#
# COMPACT_ATOMS: atom_id res chain seq x y z
N GLY A 1 -13.83 -9.32 -11.14
CA GLY A 1 -12.91 -8.65 -12.04
C GLY A 1 -13.30 -7.21 -12.30
N GLY A 2 -12.69 -6.28 -11.55
CA GLY A 2 -13.00 -4.88 -11.72
C GLY A 2 -12.50 -4.03 -10.56
N LEU A 3 -13.05 -4.27 -9.38
CA LEU A 3 -12.64 -3.52 -8.19
C LEU A 3 -11.16 -3.73 -7.89
N HIS A 4 -10.70 -4.97 -8.04
CA HIS A 4 -9.31 -5.30 -7.78
C HIS A 4 -8.39 -4.38 -8.57
N VAL A 5 -8.78 -4.07 -9.81
CA VAL A 5 -7.99 -3.21 -10.67
C VAL A 5 -8.26 -1.73 -10.36
N LEU A 6 -9.53 -1.40 -10.14
CA LEU A 6 -9.92 -0.03 -9.83
C LEU A 6 -9.19 0.48 -8.59
N LEU A 7 -8.91 -0.43 -7.66
CA LEU A 7 -8.22 -0.07 -6.43
C LEU A 7 -6.90 0.64 -6.73
N THR A 8 -6.22 0.21 -7.79
CA THR A 8 -4.95 0.81 -8.18
C THR A 8 -5.14 2.23 -8.68
N ALA A 9 -6.28 2.48 -9.31
CA ALA A 9 -6.59 3.81 -9.83
C ALA A 9 -7.08 4.74 -8.73
N THR A 10 -8.07 4.28 -7.98
CA THR A 10 -8.64 5.08 -6.88
C THR A 10 -7.54 5.56 -5.94
N PRO A 11 -7.84 6.61 -5.17
CA PRO A 11 -6.90 7.20 -4.21
C PRO A 11 -6.63 6.28 -3.02
N VAL A 12 -7.65 5.55 -2.61
CA VAL A 12 -7.53 4.62 -1.49
C VAL A 12 -6.35 3.68 -1.68
N GLY A 13 -6.19 3.18 -2.90
CA GLY A 13 -5.10 2.28 -3.18
C GLY A 13 -3.74 2.87 -2.85
N LEU A 14 -3.45 4.03 -3.42
CA LEU A 14 -2.18 4.71 -3.18
C LEU A 14 -1.95 4.93 -1.70
N THR A 15 -2.99 5.42 -1.01
CA THR A 15 -2.90 5.68 0.43
C THR A 15 -2.43 4.44 1.18
N LEU A 16 -2.84 3.27 0.70
CA LEU A 16 -2.45 2.00 1.32
C LEU A 16 -1.02 1.63 0.95
N LEU A 17 -0.64 1.91 -0.29
CA LEU A 17 0.70 1.60 -0.77
C LEU A 17 1.75 2.19 0.15
N ILE A 18 1.56 3.44 0.56
CA ILE A 18 2.50 4.12 1.44
C ILE A 18 2.61 3.40 2.78
N VAL A 19 1.48 2.93 3.29
CA VAL A 19 1.46 2.22 4.57
C VAL A 19 2.27 0.93 4.49
N LEU A 20 2.00 0.12 3.46
CA LEU A 20 2.71 -1.14 3.28
C LEU A 20 4.21 -0.91 3.15
N ALA A 21 4.58 0.16 2.44
CA ALA A 21 5.98 0.49 2.25
C ALA A 21 6.62 0.95 3.55
N ALA A 22 5.86 1.69 4.35
CA ALA A 22 6.35 2.20 5.63
C ALA A 22 6.72 1.05 6.56
N LEU A 23 5.78 0.11 6.74
CA LEU A 23 6.01 -1.04 7.60
C LEU A 23 7.23 -1.84 7.14
N GLY A 24 7.33 -2.05 5.83
CA GLY A 24 8.45 -2.79 5.28
C GLY A 24 9.79 -2.21 5.68
N PHE A 25 9.95 -0.90 5.46
CA PHE A 25 11.19 -0.23 5.79
C PHE A 25 11.50 -0.34 7.28
N PHE A 26 10.50 -0.07 8.11
CA PHE A 26 10.66 -0.14 9.56
C PHE A 26 11.06 -1.55 9.99
N TYR A 27 10.35 -2.55 9.46
CA TYR A 27 10.64 -3.94 9.79
C TYR A 27 12.03 -4.34 9.32
N GLY A 28 12.40 -3.88 8.12
CA GLY A 28 13.70 -4.20 7.58
C GLY A 28 14.84 -3.72 8.46
N LYS A 29 14.73 -2.47 8.91
CA LYS A 29 15.75 -1.88 9.76
C LYS A 29 15.64 -2.40 11.19
N LYS A 30 14.42 -2.72 11.61
CA LYS A 30 14.18 -3.24 12.95
C LYS A 30 14.50 -4.73 13.03
N ARG A 31 14.94 -5.17 14.20
CA ARG A 31 15.28 -6.57 14.40
C ARG A 31 15.72 -6.82 15.85
N GLY A 1 -19.85 -3.92 -9.90
CA GLY A 1 -20.20 -2.67 -10.56
C GLY A 1 -19.22 -1.56 -10.22
N GLY A 2 -18.17 -1.44 -11.02
CA GLY A 2 -17.18 -0.40 -10.79
C GLY A 2 -15.92 -0.93 -10.13
N LEU A 3 -16.10 -1.85 -9.19
CA LEU A 3 -14.97 -2.44 -8.48
C LEU A 3 -14.06 -3.20 -9.43
N HIS A 4 -14.67 -3.86 -10.41
CA HIS A 4 -13.92 -4.63 -11.40
C HIS A 4 -12.88 -3.75 -12.10
N VAL A 5 -13.30 -2.54 -12.46
CA VAL A 5 -12.40 -1.61 -13.14
C VAL A 5 -11.53 -0.86 -12.15
N LEU A 6 -12.10 -0.53 -10.99
CA LEU A 6 -11.38 0.17 -9.94
C LEU A 6 -10.12 -0.58 -9.54
N LEU A 7 -10.19 -1.92 -9.61
CA LEU A 7 -9.06 -2.75 -9.24
C LEU A 7 -7.82 -2.37 -10.03
N THR A 8 -8.01 -1.99 -11.29
CA THR A 8 -6.90 -1.59 -12.16
C THR A 8 -6.26 -0.31 -11.67
N ALA A 9 -7.06 0.57 -11.08
CA ALA A 9 -6.57 1.84 -10.55
C ALA A 9 -5.91 1.65 -9.19
N THR A 10 -6.60 0.94 -8.30
CA THR A 10 -6.08 0.69 -6.96
C THR A 10 -5.80 1.99 -6.23
N PRO A 11 -6.87 2.70 -5.84
CA PRO A 11 -6.75 3.98 -5.14
C PRO A 11 -6.23 3.81 -3.71
N VAL A 12 -6.78 2.82 -3.01
CA VAL A 12 -6.37 2.54 -1.63
C VAL A 12 -4.92 2.06 -1.57
N GLY A 13 -4.52 1.29 -2.58
CA GLY A 13 -3.17 0.78 -2.62
C GLY A 13 -2.13 1.88 -2.54
N LEU A 14 -2.39 3.00 -3.22
CA LEU A 14 -1.47 4.12 -3.24
C LEU A 14 -1.14 4.57 -1.81
N THR A 15 -2.16 4.60 -0.96
CA THR A 15 -1.98 5.00 0.43
C THR A 15 -1.26 3.92 1.23
N LEU A 16 -1.53 2.66 0.90
CA LEU A 16 -0.92 1.53 1.58
C LEU A 16 0.58 1.47 1.27
N LEU A 17 0.94 1.79 0.04
CA LEU A 17 2.34 1.77 -0.37
C LEU A 17 3.20 2.61 0.56
N ILE A 18 2.68 3.77 0.95
CA ILE A 18 3.40 4.66 1.84
C ILE A 18 3.57 4.04 3.23
N VAL A 19 2.51 3.39 3.70
CA VAL A 19 2.54 2.74 5.02
C VAL A 19 3.58 1.63 5.06
N LEU A 20 3.57 0.79 4.04
CA LEU A 20 4.52 -0.32 3.96
C LEU A 20 5.96 0.18 4.01
N ALA A 21 6.19 1.33 3.38
CA ALA A 21 7.53 1.92 3.35
C ALA A 21 7.93 2.41 4.74
N ALA A 22 7.04 3.17 5.38
CA ALA A 22 7.31 3.71 6.71
C ALA A 22 7.58 2.59 7.71
N LEU A 23 6.72 1.57 7.71
CA LEU A 23 6.87 0.44 8.61
C LEU A 23 8.18 -0.30 8.34
N GLY A 24 8.48 -0.53 7.07
CA GLY A 24 9.70 -1.23 6.71
C GLY A 24 10.93 -0.55 7.25
N PHE A 25 10.93 0.78 7.24
CA PHE A 25 12.06 1.56 7.74
C PHE A 25 12.18 1.44 9.25
N PHE A 26 11.06 1.59 9.94
CA PHE A 26 11.04 1.50 11.39
C PHE A 26 11.58 0.14 11.87
N TYR A 27 10.89 -0.92 11.46
CA TYR A 27 11.30 -2.28 11.83
C TYR A 27 12.75 -2.55 11.43
N GLY A 28 13.12 -2.10 10.24
CA GLY A 28 14.47 -2.31 9.76
C GLY A 28 15.51 -1.70 10.69
N LYS A 29 15.24 -0.47 11.15
CA LYS A 29 16.17 0.22 12.04
C LYS A 29 16.14 -0.40 13.43
N LYS A 30 14.99 -0.95 13.81
CA LYS A 30 14.83 -1.57 15.12
C LYS A 30 15.65 -2.86 15.21
N ARG A 31 16.23 -3.11 16.37
CA ARG A 31 17.03 -4.30 16.59
C ARG A 31 17.16 -4.62 18.07
N GLY A 1 -8.44 -8.10 -15.25
CA GLY A 1 -7.58 -7.89 -14.09
C GLY A 1 -8.38 -7.76 -12.80
N GLY A 2 -9.31 -6.81 -12.78
CA GLY A 2 -10.13 -6.60 -11.60
C GLY A 2 -9.64 -5.45 -10.75
N LEU A 3 -8.37 -5.50 -10.37
CA LEU A 3 -7.77 -4.45 -9.54
C LEU A 3 -7.70 -3.13 -10.31
N HIS A 4 -7.44 -3.22 -11.61
CA HIS A 4 -7.35 -2.04 -12.46
C HIS A 4 -8.61 -1.17 -12.33
N VAL A 5 -9.76 -1.83 -12.27
CA VAL A 5 -11.03 -1.12 -12.14
C VAL A 5 -11.30 -0.72 -10.69
N LEU A 6 -11.05 -1.64 -9.78
CA LEU A 6 -11.25 -1.38 -8.36
C LEU A 6 -10.48 -0.15 -7.90
N LEU A 7 -9.34 0.09 -8.54
CA LEU A 7 -8.51 1.24 -8.21
C LEU A 7 -9.32 2.53 -8.25
N THR A 8 -10.19 2.64 -9.26
CA THR A 8 -11.03 3.83 -9.42
C THR A 8 -12.01 3.96 -8.26
N ALA A 9 -12.46 2.82 -7.73
CA ALA A 9 -13.40 2.81 -6.62
C ALA A 9 -12.70 3.13 -5.30
N THR A 10 -11.62 2.40 -5.02
CA THR A 10 -10.86 2.61 -3.79
C THR A 10 -9.44 3.07 -4.10
N PRO A 11 -9.32 4.32 -4.58
CA PRO A 11 -8.02 4.92 -4.92
C PRO A 11 -7.18 5.21 -3.68
N VAL A 12 -7.85 5.57 -2.58
CA VAL A 12 -7.16 5.88 -1.34
C VAL A 12 -6.20 4.75 -0.95
N GLY A 13 -6.61 3.52 -1.24
CA GLY A 13 -5.78 2.37 -0.91
C GLY A 13 -4.36 2.51 -1.44
N LEU A 14 -4.22 3.15 -2.60
CA LEU A 14 -2.91 3.35 -3.21
C LEU A 14 -1.95 4.00 -2.23
N THR A 15 -2.39 5.10 -1.62
CA THR A 15 -1.55 5.82 -0.66
C THR A 15 -1.30 4.98 0.58
N LEU A 16 -2.29 4.19 0.97
CA LEU A 16 -2.17 3.33 2.15
C LEU A 16 -1.10 2.27 1.94
N LEU A 17 -1.10 1.65 0.75
CA LEU A 17 -0.14 0.62 0.43
C LEU A 17 1.29 1.10 0.68
N ILE A 18 1.55 2.37 0.36
CA ILE A 18 2.87 2.95 0.56
C ILE A 18 3.21 3.04 2.05
N VAL A 19 2.27 3.53 2.84
CA VAL A 19 2.47 3.65 4.29
C VAL A 19 2.76 2.30 4.92
N LEU A 20 1.90 1.33 4.63
CA LEU A 20 2.06 -0.02 5.18
C LEU A 20 3.40 -0.61 4.78
N ALA A 21 3.82 -0.35 3.55
CA ALA A 21 5.09 -0.84 3.05
C ALA A 21 6.26 -0.29 3.85
N ALA A 22 6.26 1.03 4.06
CA ALA A 22 7.31 1.68 4.82
C ALA A 22 7.42 1.11 6.23
N LEU A 23 6.28 1.04 6.92
CA LEU A 23 6.25 0.51 8.28
C LEU A 23 6.64 -0.96 8.30
N GLY A 24 6.22 -1.69 7.28
CA GLY A 24 6.54 -3.10 7.19
C GLY A 24 8.03 -3.36 7.09
N PHE A 25 8.68 -2.65 6.17
CA PHE A 25 10.12 -2.81 5.97
C PHE A 25 10.89 -2.44 7.23
N PHE A 26 10.52 -1.31 7.83
CA PHE A 26 11.18 -0.84 9.05
C PHE A 26 11.03 -1.87 10.18
N TYR A 27 9.80 -2.33 10.39
CA TYR A 27 9.53 -3.31 11.44
C TYR A 27 10.37 -4.56 11.25
N GLY A 28 10.37 -5.09 10.02
CA GLY A 28 11.14 -6.29 9.73
C GLY A 28 12.63 -6.09 9.94
N LYS A 29 13.13 -4.91 9.56
CA LYS A 29 14.53 -4.60 9.71
C LYS A 29 14.91 -4.44 11.19
N LYS A 30 13.95 -3.99 11.99
CA LYS A 30 14.18 -3.81 13.42
C LYS A 30 14.68 -5.09 14.07
N ARG A 31 15.78 -4.98 14.80
CA ARG A 31 16.37 -6.13 15.47
C ARG A 31 15.46 -6.64 16.58
N GLY A 1 -19.71 -2.15 -13.86
CA GLY A 1 -18.88 -0.99 -14.10
C GLY A 1 -18.44 -0.33 -12.81
N GLY A 2 -17.58 0.68 -12.92
CA GLY A 2 -17.09 1.38 -11.75
C GLY A 2 -16.03 0.59 -11.00
N LEU A 3 -16.47 -0.29 -10.10
CA LEU A 3 -15.55 -1.10 -9.32
C LEU A 3 -14.66 -1.95 -10.22
N HIS A 4 -15.25 -2.47 -11.29
CA HIS A 4 -14.51 -3.31 -12.24
C HIS A 4 -13.31 -2.55 -12.81
N VAL A 5 -13.50 -1.25 -13.06
CA VAL A 5 -12.44 -0.41 -13.60
C VAL A 5 -11.47 0.01 -12.51
N LEU A 6 -12.02 0.55 -11.42
CA LEU A 6 -11.20 1.01 -10.31
C LEU A 6 -10.24 -0.09 -9.84
N LEU A 7 -10.68 -1.34 -9.98
CA LEU A 7 -9.86 -2.48 -9.59
C LEU A 7 -8.48 -2.42 -10.23
N THR A 8 -8.45 -2.05 -11.51
CA THR A 8 -7.20 -1.95 -12.25
C THR A 8 -6.28 -0.93 -11.62
N ALA A 9 -6.86 0.13 -11.05
CA ALA A 9 -6.08 1.18 -10.41
C ALA A 9 -5.61 0.74 -9.02
N THR A 10 -6.55 0.27 -8.21
CA THR A 10 -6.23 -0.17 -6.85
C THR A 10 -5.71 0.98 -6.00
N PRO A 11 -6.61 1.90 -5.63
CA PRO A 11 -6.26 3.06 -4.80
C PRO A 11 -5.92 2.68 -3.37
N VAL A 12 -6.75 1.84 -2.77
CA VAL A 12 -6.52 1.40 -1.39
C VAL A 12 -5.15 0.76 -1.25
N GLY A 13 -4.72 0.03 -2.27
CA GLY A 13 -3.43 -0.62 -2.24
C GLY A 13 -2.29 0.35 -2.00
N LEU A 14 -2.27 1.44 -2.76
CA LEU A 14 -1.22 2.45 -2.63
C LEU A 14 -1.15 2.96 -1.20
N THR A 15 -2.31 3.32 -0.64
CA THR A 15 -2.36 3.83 0.72
C THR A 15 -1.73 2.85 1.70
N LEU A 16 -1.89 1.56 1.43
CA LEU A 16 -1.33 0.52 2.29
C LEU A 16 0.17 0.39 2.08
N LEU A 17 0.61 0.57 0.83
CA LEU A 17 2.03 0.47 0.50
C LEU A 17 2.84 1.50 1.28
N ILE A 18 2.27 2.68 1.47
CA ILE A 18 2.93 3.74 2.20
C ILE A 18 3.17 3.35 3.65
N VAL A 19 2.19 2.68 4.25
CA VAL A 19 2.29 2.25 5.64
C VAL A 19 3.36 1.17 5.80
N LEU A 20 3.22 0.10 5.02
CA LEU A 20 4.17 -1.01 5.07
C LEU A 20 5.59 -0.52 4.84
N ALA A 21 5.74 0.46 3.94
CA ALA A 21 7.04 1.02 3.63
C ALA A 21 7.58 1.85 4.79
N ALA A 22 6.73 2.73 5.32
CA ALA A 22 7.12 3.59 6.43
C ALA A 22 7.63 2.77 7.60
N LEU A 23 6.85 1.77 8.01
CA LEU A 23 7.23 0.90 9.12
C LEU A 23 8.56 0.23 8.85
N GLY A 24 8.71 -0.32 7.65
CA GLY A 24 9.95 -1.00 7.30
C GLY A 24 11.16 -0.11 7.48
N PHE A 25 11.18 1.03 6.80
CA PHE A 25 12.29 1.97 6.89
C PHE A 25 12.56 2.35 8.35
N PHE A 26 11.48 2.62 9.08
CA PHE A 26 11.60 3.01 10.49
C PHE A 26 12.26 1.90 11.30
N TYR A 27 11.82 0.67 11.08
CA TYR A 27 12.36 -0.47 11.80
C TYR A 27 13.85 -0.65 11.50
N GLY A 28 14.22 -0.44 10.24
CA GLY A 28 15.60 -0.57 9.83
C GLY A 28 16.48 0.52 10.39
N LYS A 29 15.94 1.73 10.46
CA LYS A 29 16.68 2.88 10.98
C LYS A 29 16.84 2.78 12.50
N LYS A 30 15.88 2.15 13.16
CA LYS A 30 15.92 1.99 14.61
C LYS A 30 17.14 1.19 15.02
N ARG A 31 17.92 1.74 15.95
CA ARG A 31 19.12 1.07 16.43
C ARG A 31 20.09 0.79 15.29
N GLY A 1 -14.23 -6.58 -10.36
CA GLY A 1 -13.64 -6.49 -11.68
C GLY A 1 -12.12 -6.50 -11.64
N GLY A 2 -11.51 -5.91 -12.66
CA GLY A 2 -10.05 -5.85 -12.72
C GLY A 2 -9.48 -4.77 -11.82
N LEU A 3 -8.17 -4.82 -11.61
CA LEU A 3 -7.50 -3.83 -10.77
C LEU A 3 -7.72 -2.42 -11.30
N HIS A 4 -7.74 -2.28 -12.62
CA HIS A 4 -7.94 -0.98 -13.25
C HIS A 4 -9.25 -0.34 -12.78
N VAL A 5 -10.27 -1.16 -12.61
CA VAL A 5 -11.58 -0.69 -12.15
C VAL A 5 -11.63 -0.58 -10.63
N LEU A 6 -11.07 -1.59 -9.96
CA LEU A 6 -11.05 -1.61 -8.50
C LEU A 6 -10.37 -0.36 -7.94
N LEU A 7 -9.40 0.16 -8.69
CA LEU A 7 -8.68 1.35 -8.28
C LEU A 7 -9.64 2.48 -7.94
N THR A 8 -10.71 2.60 -8.72
CA THR A 8 -11.71 3.64 -8.50
C THR A 8 -12.49 3.38 -7.21
N ALA A 9 -12.70 2.11 -6.89
CA ALA A 9 -13.42 1.73 -5.69
C ALA A 9 -12.56 1.91 -4.44
N THR A 10 -11.30 1.51 -4.53
CA THR A 10 -10.38 1.63 -3.41
C THR A 10 -9.17 2.49 -3.79
N PRO A 11 -9.42 3.79 -3.98
CA PRO A 11 -8.36 4.75 -4.34
C PRO A 11 -7.40 5.00 -3.19
N VAL A 12 -7.92 5.00 -1.97
CA VAL A 12 -7.10 5.23 -0.78
C VAL A 12 -6.06 4.13 -0.62
N GLY A 13 -6.44 2.90 -0.97
CA GLY A 13 -5.52 1.78 -0.85
C GLY A 13 -4.20 2.04 -1.54
N LEU A 14 -4.25 2.77 -2.65
CA LEU A 14 -3.04 3.09 -3.41
C LEU A 14 -1.97 3.69 -2.49
N THR A 15 -2.39 4.60 -1.62
CA THR A 15 -1.47 5.24 -0.70
C THR A 15 -1.18 4.36 0.52
N LEU A 16 -2.19 3.61 0.94
CA LEU A 16 -2.04 2.72 2.08
C LEU A 16 -0.91 1.71 1.84
N LEU A 17 -0.77 1.26 0.60
CA LEU A 17 0.26 0.31 0.25
C LEU A 17 1.64 0.82 0.64
N ILE A 18 1.88 2.10 0.39
CA ILE A 18 3.16 2.72 0.73
C ILE A 18 3.35 2.80 2.24
N VAL A 19 2.27 3.08 2.95
CA VAL A 19 2.31 3.19 4.40
C VAL A 19 2.64 1.84 5.04
N LEU A 20 1.82 0.84 4.75
CA LEU A 20 2.03 -0.49 5.31
C LEU A 20 3.42 -1.00 4.97
N ALA A 21 3.89 -0.71 3.76
CA ALA A 21 5.20 -1.13 3.32
C ALA A 21 6.31 -0.43 4.09
N ALA A 22 6.17 0.90 4.24
CA ALA A 22 7.16 1.69 4.96
C ALA A 22 7.34 1.17 6.39
N LEU A 23 6.24 1.13 7.14
CA LEU A 23 6.28 0.66 8.52
C LEU A 23 6.81 -0.77 8.58
N GLY A 24 6.31 -1.63 7.70
CA GLY A 24 6.75 -3.02 7.67
C GLY A 24 8.25 -3.15 7.51
N PHE A 25 8.77 -2.58 6.43
CA PHE A 25 10.20 -2.64 6.15
C PHE A 25 11.01 -2.13 7.34
N PHE A 26 10.55 -1.02 7.93
CA PHE A 26 11.23 -0.42 9.07
C PHE A 26 11.42 -1.44 10.19
N TYR A 27 10.31 -2.05 10.61
CA TYR A 27 10.35 -3.05 11.67
C TYR A 27 11.18 -4.26 11.26
N GLY A 28 10.98 -4.72 10.02
CA GLY A 28 11.71 -5.86 9.51
C GLY A 28 13.22 -5.66 9.58
N LYS A 29 13.68 -4.50 9.13
CA LYS A 29 15.10 -4.19 9.14
C LYS A 29 15.62 -4.02 10.56
N LYS A 30 14.74 -3.57 11.45
CA LYS A 30 15.10 -3.36 12.85
C LYS A 30 15.12 -4.69 13.60
N ARG A 31 16.25 -5.01 14.22
CA ARG A 31 16.40 -6.24 14.97
C ARG A 31 16.41 -5.97 16.47
N GLY A 1 -18.83 3.47 -10.05
CA GLY A 1 -17.62 3.34 -10.86
C GLY A 1 -17.36 1.91 -11.28
N GLY A 2 -17.70 0.97 -10.41
CA GLY A 2 -17.49 -0.44 -10.70
C GLY A 2 -16.16 -0.95 -10.18
N LEU A 3 -16.21 -1.99 -9.37
CA LEU A 3 -15.00 -2.58 -8.80
C LEU A 3 -14.08 -3.13 -9.90
N HIS A 4 -14.70 -3.71 -10.93
CA HIS A 4 -13.94 -4.28 -12.04
C HIS A 4 -13.03 -3.23 -12.66
N VAL A 5 -13.50 -1.99 -12.71
CA VAL A 5 -12.72 -0.90 -13.28
C VAL A 5 -11.74 -0.33 -12.26
N LEU A 6 -12.25 -0.05 -11.05
CA LEU A 6 -11.43 0.50 -9.99
C LEU A 6 -10.24 -0.41 -9.70
N LEU A 7 -10.44 -1.71 -9.88
CA LEU A 7 -9.37 -2.68 -9.64
C LEU A 7 -8.10 -2.31 -10.39
N THR A 8 -8.28 -1.78 -11.60
CA THR A 8 -7.15 -1.37 -12.43
C THR A 8 -6.41 -0.19 -11.82
N ALA A 9 -7.16 0.68 -11.14
CA ALA A 9 -6.59 1.86 -10.51
C ALA A 9 -5.92 1.50 -9.18
N THR A 10 -6.67 0.79 -8.33
CA THR A 10 -6.16 0.38 -7.02
C THR A 10 -5.70 1.59 -6.21
N PRO A 11 -6.67 2.42 -5.79
CA PRO A 11 -6.39 3.62 -4.99
C PRO A 11 -5.93 3.29 -3.58
N VAL A 12 -6.63 2.37 -2.93
CA VAL A 12 -6.28 1.96 -1.57
C VAL A 12 -4.87 1.40 -1.52
N GLY A 13 -4.48 0.69 -2.57
CA GLY A 13 -3.15 0.10 -2.62
C GLY A 13 -2.06 1.14 -2.44
N LEU A 14 -2.23 2.30 -3.07
CA LEU A 14 -1.24 3.37 -2.98
C LEU A 14 -1.04 3.80 -1.52
N THR A 15 -2.14 3.94 -0.79
CA THR A 15 -2.08 4.34 0.61
C THR A 15 -1.46 3.24 1.48
N LEU A 16 -1.72 1.98 1.12
CA LEU A 16 -1.19 0.85 1.85
C LEU A 16 0.32 0.77 1.71
N LEU A 17 0.82 1.06 0.50
CA LEU A 17 2.24 1.02 0.23
C LEU A 17 3.00 1.97 1.16
N ILE A 18 2.40 3.12 1.43
CA ILE A 18 3.01 4.10 2.31
C ILE A 18 3.12 3.58 3.74
N VAL A 19 2.08 2.88 4.18
CA VAL A 19 2.05 2.32 5.53
C VAL A 19 3.09 1.21 5.69
N LEU A 20 2.99 0.21 4.82
CA LEU A 20 3.92 -0.92 4.85
C LEU A 20 5.37 -0.45 4.74
N ALA A 21 5.59 0.50 3.82
CA ALA A 21 6.92 1.05 3.60
C ALA A 21 7.42 1.79 4.83
N ALA A 22 6.51 2.49 5.50
CA ALA A 22 6.86 3.25 6.69
C ALA A 22 7.32 2.33 7.81
N LEU A 23 6.53 1.32 8.11
CA LEU A 23 6.86 0.36 9.16
C LEU A 23 8.16 -0.37 8.85
N GLY A 24 8.28 -0.83 7.60
CA GLY A 24 9.47 -1.54 7.18
C GLY A 24 10.74 -0.74 7.44
N PHE A 25 10.75 0.51 7.00
CA PHE A 25 11.90 1.38 7.19
C PHE A 25 12.16 1.64 8.67
N PHE A 26 11.11 1.99 9.39
CA PHE A 26 11.22 2.28 10.82
C PHE A 26 11.85 1.09 11.56
N TYR A 27 11.33 -0.11 11.28
CA TYR A 27 11.83 -1.32 11.93
C TYR A 27 13.27 -1.59 11.51
N GLY A 28 13.53 -1.53 10.20
CA GLY A 28 14.87 -1.78 9.70
C GLY A 28 15.91 -0.92 10.38
N LYS A 29 15.62 0.36 10.53
CA LYS A 29 16.54 1.29 11.18
C LYS A 29 16.61 1.05 12.68
N LYS A 30 15.50 0.58 13.24
CA LYS A 30 15.44 0.29 14.67
C LYS A 30 16.07 -1.07 14.99
N ARG A 31 16.64 -1.18 16.17
CA ARG A 31 17.28 -2.42 16.60
C ARG A 31 18.33 -2.86 15.59
N GLY A 1 -19.76 3.40 -8.23
CA GLY A 1 -18.79 2.50 -7.62
C GLY A 1 -18.43 1.34 -8.53
N GLY A 2 -17.70 1.63 -9.60
CA GLY A 2 -17.31 0.59 -10.53
C GLY A 2 -16.01 -0.10 -10.11
N LEU A 3 -16.14 -1.22 -9.42
CA LEU A 3 -14.98 -1.97 -8.97
C LEU A 3 -14.11 -2.40 -10.15
N HIS A 4 -14.75 -2.77 -11.25
CA HIS A 4 -14.03 -3.20 -12.44
C HIS A 4 -13.04 -2.12 -12.90
N VAL A 5 -13.47 -0.87 -12.83
CA VAL A 5 -12.63 0.25 -13.23
C VAL A 5 -11.61 0.60 -12.14
N LEU A 6 -12.10 0.69 -10.91
CA LEU A 6 -11.24 1.01 -9.77
C LEU A 6 -10.05 0.05 -9.69
N LEU A 7 -10.28 -1.19 -10.12
CA LEU A 7 -9.22 -2.20 -10.11
C LEU A 7 -7.99 -1.71 -10.84
N THR A 8 -8.20 -0.98 -11.93
CA THR A 8 -7.09 -0.46 -12.73
C THR A 8 -6.26 0.53 -11.91
N ALA A 9 -6.92 1.27 -11.02
CA ALA A 9 -6.24 2.25 -10.18
C ALA A 9 -5.59 1.58 -8.97
N THR A 10 -6.36 0.77 -8.25
CA THR A 10 -5.87 0.08 -7.07
C THR A 10 -5.43 1.06 -5.99
N PRO A 11 -6.40 1.75 -5.39
CA PRO A 11 -6.15 2.74 -4.33
C PRO A 11 -5.67 2.09 -3.04
N VAL A 12 -6.37 1.04 -2.62
CA VAL A 12 -6.02 0.32 -1.41
C VAL A 12 -4.55 -0.07 -1.39
N GLY A 13 -4.02 -0.40 -2.57
CA GLY A 13 -2.63 -0.79 -2.68
C GLY A 13 -1.68 0.38 -2.54
N LEU A 14 -2.08 1.53 -3.09
CA LEU A 14 -1.27 2.74 -3.02
C LEU A 14 -1.09 3.20 -1.58
N THR A 15 -2.22 3.38 -0.90
CA THR A 15 -2.19 3.83 0.50
C THR A 15 -1.44 2.84 1.38
N LEU A 16 -1.56 1.56 1.06
CA LEU A 16 -0.89 0.51 1.82
C LEU A 16 0.62 0.54 1.58
N LEU A 17 1.00 0.78 0.33
CA LEU A 17 2.42 0.84 -0.04
C LEU A 17 3.17 1.82 0.87
N ILE A 18 2.51 2.91 1.21
CA ILE A 18 3.12 3.92 2.07
C ILE A 18 3.30 3.41 3.49
N VAL A 19 2.30 2.67 3.98
CA VAL A 19 2.36 2.11 5.33
C VAL A 19 3.44 1.05 5.44
N LEU A 20 3.42 0.09 4.52
CA LEU A 20 4.40 -1.00 4.51
C LEU A 20 5.82 -0.43 4.53
N ALA A 21 6.07 0.56 3.68
CA ALA A 21 7.39 1.19 3.61
C ALA A 21 7.72 1.93 4.90
N ALA A 22 6.76 2.74 5.37
CA ALA A 22 6.95 3.51 6.59
C ALA A 22 7.37 2.61 7.75
N LEU A 23 6.52 1.65 8.08
CA LEU A 23 6.81 0.72 9.18
C LEU A 23 8.09 -0.06 8.90
N GLY A 24 8.24 -0.52 7.66
CA GLY A 24 9.43 -1.28 7.29
C GLY A 24 10.71 -0.55 7.66
N PHE A 25 10.77 0.75 7.37
CA PHE A 25 11.94 1.54 7.66
C PHE A 25 12.08 1.76 9.17
N PHE A 26 10.99 2.18 9.81
CA PHE A 26 10.99 2.42 11.25
C PHE A 26 11.47 1.19 12.01
N TYR A 27 10.77 0.08 11.82
CA TYR A 27 11.12 -1.17 12.49
C TYR A 27 12.49 -1.66 12.05
N GLY A 28 12.75 -1.58 10.75
CA GLY A 28 14.03 -2.02 10.23
C GLY A 28 15.21 -1.36 10.93
N LYS A 29 15.08 -0.07 11.20
CA LYS A 29 16.13 0.68 11.87
C LYS A 29 16.07 0.49 13.38
N LYS A 30 14.86 0.27 13.89
CA LYS A 30 14.67 0.05 15.32
C LYS A 30 15.22 -1.30 15.76
N ARG A 31 15.73 -1.36 16.98
CA ARG A 31 16.30 -2.59 17.52
C ARG A 31 17.42 -3.11 16.62
N GLY A 1 -8.18 -7.64 -16.12
CA GLY A 1 -8.95 -8.08 -14.97
C GLY A 1 -10.00 -7.08 -14.55
N GLY A 2 -9.73 -6.37 -13.46
CA GLY A 2 -10.68 -5.38 -12.97
C GLY A 2 -10.01 -4.33 -12.09
N LEU A 3 -8.78 -3.96 -12.44
CA LEU A 3 -8.05 -2.97 -11.67
C LEU A 3 -8.58 -1.56 -11.96
N HIS A 4 -8.82 -1.27 -13.22
CA HIS A 4 -9.33 0.04 -13.63
C HIS A 4 -10.57 0.41 -12.82
N VAL A 5 -11.42 -0.58 -12.56
CA VAL A 5 -12.64 -0.36 -11.80
C VAL A 5 -12.38 -0.46 -10.29
N LEU A 6 -11.52 -1.40 -9.91
CA LEU A 6 -11.18 -1.59 -8.51
C LEU A 6 -10.58 -0.32 -7.90
N LEU A 7 -9.89 0.45 -8.72
CA LEU A 7 -9.27 1.70 -8.28
C LEU A 7 -10.30 2.58 -7.58
N THR A 8 -11.53 2.56 -8.08
CA THR A 8 -12.60 3.37 -7.51
C THR A 8 -13.10 2.77 -6.20
N ALA A 9 -13.07 1.45 -6.12
CA ALA A 9 -13.51 0.74 -4.92
C ALA A 9 -12.58 1.01 -3.75
N THR A 10 -11.29 0.80 -3.95
CA THR A 10 -10.30 1.02 -2.91
C THR A 10 -9.16 1.90 -3.41
N PRO A 11 -9.45 3.19 -3.65
CA PRO A 11 -8.47 4.15 -4.14
C PRO A 11 -7.42 4.49 -3.08
N VAL A 12 -7.87 4.76 -1.87
CA VAL A 12 -6.98 5.10 -0.77
C VAL A 12 -6.01 3.94 -0.48
N GLY A 13 -6.51 2.72 -0.62
CA GLY A 13 -5.69 1.55 -0.36
C GLY A 13 -4.37 1.59 -1.12
N LEU A 14 -4.40 2.17 -2.31
CA LEU A 14 -3.20 2.28 -3.14
C LEU A 14 -2.05 2.89 -2.36
N THR A 15 -2.35 3.93 -1.58
CA THR A 15 -1.34 4.60 -0.79
C THR A 15 -1.06 3.84 0.51
N LEU A 16 -2.10 3.22 1.06
CA LEU A 16 -1.96 2.46 2.30
C LEU A 16 -0.94 1.33 2.13
N LEU A 17 -1.06 0.60 1.02
CA LEU A 17 -0.14 -0.50 0.74
C LEU A 17 1.31 -0.04 0.83
N ILE A 18 1.57 1.17 0.38
CA ILE A 18 2.92 1.73 0.42
C ILE A 18 3.37 1.99 1.85
N VAL A 19 2.51 2.66 2.62
CA VAL A 19 2.82 2.96 4.01
C VAL A 19 3.14 1.71 4.80
N LEU A 20 2.23 0.74 4.76
CA LEU A 20 2.41 -0.52 5.48
C LEU A 20 3.75 -1.16 5.11
N ALA A 21 4.13 -1.02 3.84
CA ALA A 21 5.39 -1.59 3.36
C ALA A 21 6.58 -0.90 4.02
N ALA A 22 6.63 0.42 3.89
CA ALA A 22 7.73 1.19 4.48
C ALA A 22 7.87 0.90 5.96
N LEU A 23 6.75 0.91 6.68
CA LEU A 23 6.76 0.65 8.12
C LEU A 23 7.39 -0.71 8.42
N GLY A 24 6.95 -1.74 7.71
CA GLY A 24 7.49 -3.06 7.92
C GLY A 24 8.98 -3.14 7.67
N PHE A 25 9.43 -2.45 6.62
CA PHE A 25 10.86 -2.43 6.28
C PHE A 25 11.67 -1.73 7.36
N PHE A 26 11.32 -0.48 7.64
CA PHE A 26 12.03 0.31 8.64
C PHE A 26 12.06 -0.43 9.97
N TYR A 27 10.91 -1.00 10.37
CA TYR A 27 10.81 -1.73 11.62
C TYR A 27 11.76 -2.94 11.63
N GLY A 28 11.59 -3.81 10.64
CA GLY A 28 12.45 -4.99 10.55
C GLY A 28 13.92 -4.65 10.58
N LYS A 29 14.31 -3.63 9.83
CA LYS A 29 15.70 -3.21 9.76
C LYS A 29 16.14 -2.61 11.09
N LYS A 30 15.21 -1.99 11.80
CA LYS A 30 15.49 -1.37 13.09
C LYS A 30 15.51 -2.43 14.21
N ARG A 31 16.49 -2.32 15.10
CA ARG A 31 16.61 -3.26 16.20
C ARG A 31 17.20 -2.57 17.44
N GLY A 1 -10.15 -1.05 -18.07
CA GLY A 1 -10.35 -2.34 -17.45
C GLY A 1 -9.14 -2.81 -16.67
N GLY A 2 -9.26 -2.85 -15.35
CA GLY A 2 -8.15 -3.27 -14.52
C GLY A 2 -8.02 -2.43 -13.25
N LEU A 3 -6.83 -1.90 -13.03
CA LEU A 3 -6.56 -1.07 -11.86
C LEU A 3 -7.59 0.06 -11.75
N HIS A 4 -7.94 0.63 -12.90
CA HIS A 4 -8.90 1.73 -12.94
C HIS A 4 -10.19 1.34 -12.23
N VAL A 5 -10.61 0.08 -12.39
CA VAL A 5 -11.82 -0.41 -11.75
C VAL A 5 -11.56 -0.82 -10.31
N LEU A 6 -10.47 -1.54 -10.10
CA LEU A 6 -10.10 -2.00 -8.76
C LEU A 6 -10.03 -0.84 -7.78
N LEU A 7 -9.64 0.33 -8.29
CA LEU A 7 -9.54 1.53 -7.47
C LEU A 7 -10.84 1.80 -6.73
N THR A 8 -11.96 1.53 -7.39
CA THR A 8 -13.27 1.76 -6.81
C THR A 8 -13.54 0.77 -5.67
N ALA A 9 -12.99 -0.43 -5.79
CA ALA A 9 -13.16 -1.45 -4.77
C ALA A 9 -12.24 -1.20 -3.58
N THR A 10 -10.98 -0.89 -3.86
CA THR A 10 -10.00 -0.61 -2.80
C THR A 10 -9.19 0.64 -3.11
N PRO A 11 -9.85 1.80 -3.04
CA PRO A 11 -9.21 3.09 -3.32
C PRO A 11 -8.20 3.48 -2.23
N VAL A 12 -8.62 3.36 -0.97
CA VAL A 12 -7.76 3.69 0.15
C VAL A 12 -6.79 2.55 0.46
N GLY A 13 -7.26 1.32 0.28
CA GLY A 13 -6.44 0.17 0.56
C GLY A 13 -5.12 0.21 -0.19
N LEU A 14 -5.17 0.59 -1.46
CA LEU A 14 -3.97 0.67 -2.28
C LEU A 14 -3.03 1.75 -1.76
N THR A 15 -3.59 2.84 -1.26
CA THR A 15 -2.81 3.94 -0.72
C THR A 15 -2.19 3.57 0.62
N LEU A 16 -2.92 2.79 1.41
CA LEU A 16 -2.45 2.37 2.72
C LEU A 16 -1.40 1.27 2.59
N LEU A 17 -1.61 0.38 1.62
CA LEU A 17 -0.68 -0.73 1.39
C LEU A 17 0.75 -0.22 1.25
N ILE A 18 0.90 0.92 0.59
CA ILE A 18 2.23 1.52 0.40
C ILE A 18 2.83 1.95 1.73
N VAL A 19 2.03 2.60 2.56
CA VAL A 19 2.50 3.07 3.87
C VAL A 19 2.88 1.89 4.76
N LEU A 20 1.96 0.95 4.91
CA LEU A 20 2.21 -0.23 5.74
C LEU A 20 3.50 -0.93 5.32
N ALA A 21 3.75 -0.96 4.02
CA ALA A 21 4.96 -1.60 3.50
C ALA A 21 6.20 -0.81 3.88
N ALA A 22 6.16 0.50 3.69
CA ALA A 22 7.28 1.37 4.02
C ALA A 22 7.66 1.23 5.49
N LEU A 23 6.69 1.42 6.37
CA LEU A 23 6.93 1.32 7.81
C LEU A 23 7.47 -0.06 8.18
N GLY A 24 6.89 -1.10 7.58
CA GLY A 24 7.32 -2.45 7.85
C GLY A 24 8.78 -2.68 7.47
N PHE A 25 9.17 -2.16 6.32
CA PHE A 25 10.54 -2.31 5.84
C PHE A 25 11.52 -1.52 6.72
N PHE A 26 11.16 -0.27 7.00
CA PHE A 26 12.02 0.59 7.82
C PHE A 26 12.17 0.01 9.23
N TYR A 27 11.06 -0.46 9.80
CA TYR A 27 11.07 -1.03 11.13
C TYR A 27 11.94 -2.29 11.18
N GLY A 28 11.87 -3.08 10.12
CA GLY A 28 12.65 -4.31 10.06
C GLY A 28 14.15 -4.04 9.99
N LYS A 29 14.52 -2.97 9.29
CA LYS A 29 15.93 -2.61 9.16
C LYS A 29 16.40 -1.84 10.38
N LYS A 30 15.50 -1.09 11.01
CA LYS A 30 15.83 -0.32 12.19
C LYS A 30 16.38 -1.21 13.30
N ARG A 31 17.22 -0.63 14.16
CA ARG A 31 17.81 -1.37 15.26
C ARG A 31 17.64 -0.62 16.57
N GLY A 1 -9.55 -9.74 -10.60
CA GLY A 1 -10.05 -8.65 -11.40
C GLY A 1 -8.95 -7.70 -11.85
N GLY A 2 -9.31 -6.45 -12.08
CA GLY A 2 -8.34 -5.46 -12.52
C GLY A 2 -8.07 -4.41 -11.45
N LEU A 3 -6.79 -4.14 -11.21
CA LEU A 3 -6.40 -3.15 -10.21
C LEU A 3 -6.61 -1.74 -10.74
N HIS A 4 -6.32 -1.53 -12.02
CA HIS A 4 -6.48 -0.22 -12.65
C HIS A 4 -7.89 0.32 -12.41
N VAL A 5 -8.88 -0.57 -12.49
CA VAL A 5 -10.28 -0.17 -12.29
C VAL A 5 -10.62 -0.12 -10.80
N LEU A 6 -10.13 -1.09 -10.05
CA LEU A 6 -10.37 -1.16 -8.61
C LEU A 6 -9.95 0.13 -7.93
N LEU A 7 -8.91 0.77 -8.47
CA LEU A 7 -8.41 2.02 -7.91
C LEU A 7 -9.52 3.06 -7.81
N THR A 8 -10.41 3.06 -8.80
CA THR A 8 -11.52 4.01 -8.83
C THR A 8 -12.52 3.72 -7.71
N ALA A 9 -12.66 2.45 -7.37
CA ALA A 9 -13.57 2.04 -6.30
C ALA A 9 -12.96 2.28 -4.93
N THR A 10 -11.70 1.87 -4.77
CA THR A 10 -11.01 2.04 -3.50
C THR A 10 -9.62 2.65 -3.71
N PRO A 11 -9.59 3.94 -4.07
CA PRO A 11 -8.34 4.67 -4.31
C PRO A 11 -7.54 4.89 -3.03
N VAL A 12 -8.25 5.23 -1.95
CA VAL A 12 -7.63 5.48 -0.66
C VAL A 12 -6.97 4.21 -0.12
N GLY A 13 -7.60 3.08 -0.37
CA GLY A 13 -7.07 1.81 0.10
C GLY A 13 -5.65 1.57 -0.35
N LEU A 14 -5.41 1.72 -1.65
CA LEU A 14 -4.07 1.52 -2.22
C LEU A 14 -3.07 2.47 -1.57
N THR A 15 -3.43 3.74 -1.48
CA THR A 15 -2.56 4.76 -0.89
C THR A 15 -2.09 4.32 0.50
N LEU A 16 -2.96 3.64 1.22
CA LEU A 16 -2.63 3.17 2.57
C LEU A 16 -1.72 1.96 2.52
N LEU A 17 -1.93 1.10 1.52
CA LEU A 17 -1.13 -0.10 1.36
C LEU A 17 0.36 0.25 1.29
N ILE A 18 0.70 1.23 0.45
CA ILE A 18 2.08 1.66 0.31
C ILE A 18 2.69 2.05 1.65
N VAL A 19 1.92 2.80 2.44
CA VAL A 19 2.37 3.23 3.75
C VAL A 19 2.61 2.05 4.68
N LEU A 20 1.59 1.21 4.84
CA LEU A 20 1.68 0.05 5.70
C LEU A 20 2.87 -0.83 5.30
N ALA A 21 3.08 -0.97 4.00
CA ALA A 21 4.19 -1.78 3.49
C ALA A 21 5.53 -1.18 3.90
N ALA A 22 5.66 0.13 3.72
CA ALA A 22 6.90 0.83 4.06
C ALA A 22 7.24 0.63 5.54
N LEU A 23 6.21 0.68 6.39
CA LEU A 23 6.41 0.50 7.83
C LEU A 23 6.85 -0.92 8.16
N GLY A 24 6.21 -1.89 7.51
CA GLY A 24 6.56 -3.28 7.76
C GLY A 24 7.96 -3.61 7.30
N PHE A 25 8.34 -3.13 6.12
CA PHE A 25 9.67 -3.39 5.59
C PHE A 25 10.75 -2.77 6.48
N PHE A 26 10.56 -1.51 6.85
CA PHE A 26 11.51 -0.81 7.70
C PHE A 26 11.64 -1.51 9.05
N TYR A 27 10.51 -1.71 9.72
CA TYR A 27 10.50 -2.35 11.02
C TYR A 27 11.17 -3.72 10.96
N GLY A 28 10.68 -4.58 10.06
CA GLY A 28 11.25 -5.90 9.91
C GLY A 28 12.74 -5.87 9.67
N LYS A 29 13.19 -4.92 8.85
CA LYS A 29 14.60 -4.79 8.54
C LYS A 29 15.38 -4.27 9.74
N LYS A 30 14.72 -3.47 10.56
CA LYS A 30 15.34 -2.89 11.75
C LYS A 30 15.48 -3.95 12.84
N ARG A 31 16.71 -4.18 13.29
CA ARG A 31 16.97 -5.16 14.34
C ARG A 31 16.46 -6.55 13.94
N GLY A 1 -10.55 -9.43 -10.01
CA GLY A 1 -11.15 -9.48 -11.33
C GLY A 1 -10.78 -8.27 -12.17
N GLY A 2 -10.98 -7.08 -11.62
CA GLY A 2 -10.67 -5.86 -12.33
C GLY A 2 -10.03 -4.80 -11.44
N LEU A 3 -8.79 -5.05 -11.03
CA LEU A 3 -8.07 -4.11 -10.18
C LEU A 3 -8.05 -2.72 -10.79
N HIS A 4 -7.87 -2.66 -12.11
CA HIS A 4 -7.83 -1.39 -12.81
C HIS A 4 -9.08 -0.56 -12.52
N VAL A 5 -10.22 -1.23 -12.44
CA VAL A 5 -11.48 -0.56 -12.15
C VAL A 5 -11.65 -0.30 -10.67
N LEU A 6 -11.31 -1.29 -9.85
CA LEU A 6 -11.42 -1.16 -8.40
C LEU A 6 -10.61 0.03 -7.89
N LEU A 7 -9.50 0.31 -8.58
CA LEU A 7 -8.64 1.43 -8.21
C LEU A 7 -9.44 2.72 -8.11
N THR A 8 -10.38 2.91 -9.02
CA THR A 8 -11.21 4.10 -9.04
C THR A 8 -12.13 4.16 -7.82
N ALA A 9 -12.55 2.98 -7.36
CA ALA A 9 -13.43 2.90 -6.20
C ALA A 9 -12.65 3.03 -4.90
N THR A 10 -11.44 2.50 -4.89
CA THR A 10 -10.58 2.56 -3.71
C THR A 10 -9.23 3.19 -4.04
N PRO A 11 -9.25 4.50 -4.33
CA PRO A 11 -8.03 5.24 -4.67
C PRO A 11 -7.11 5.43 -3.47
N VAL A 12 -7.70 5.62 -2.30
CA VAL A 12 -6.93 5.80 -1.08
C VAL A 12 -6.03 4.61 -0.81
N GLY A 13 -6.51 3.42 -1.15
CA GLY A 13 -5.74 2.21 -0.94
C GLY A 13 -4.35 2.31 -1.53
N LEU A 14 -4.25 2.94 -2.69
CA LEU A 14 -2.95 3.11 -3.37
C LEU A 14 -1.92 3.69 -2.42
N THR A 15 -2.35 4.63 -1.57
CA THR A 15 -1.46 5.27 -0.62
C THR A 15 -1.26 4.41 0.62
N LEU A 16 -2.32 3.71 1.02
CA LEU A 16 -2.26 2.84 2.19
C LEU A 16 -1.22 1.74 2.02
N LEU A 17 -1.14 1.20 0.80
CA LEU A 17 -0.18 0.14 0.50
C LEU A 17 1.24 0.60 0.81
N ILE A 18 1.54 1.85 0.48
CA ILE A 18 2.87 2.41 0.72
C ILE A 18 3.18 2.47 2.21
N VAL A 19 2.16 2.80 3.01
CA VAL A 19 2.31 2.89 4.46
C VAL A 19 2.60 1.52 5.06
N LEU A 20 1.75 0.55 4.74
CA LEU A 20 1.91 -0.81 5.26
C LEU A 20 3.29 -1.35 4.93
N ALA A 21 3.77 -1.07 3.72
CA ALA A 21 5.08 -1.52 3.28
C ALA A 21 6.19 -0.82 4.05
N ALA A 22 6.03 0.49 4.23
CA ALA A 22 7.03 1.29 4.94
C ALA A 22 7.26 0.75 6.35
N LEU A 23 6.16 0.58 7.09
CA LEU A 23 6.25 0.07 8.45
C LEU A 23 6.89 -1.32 8.48
N GLY A 24 6.45 -2.18 7.57
CA GLY A 24 7.00 -3.53 7.51
C GLY A 24 8.51 -3.54 7.35
N PHE A 25 9.00 -2.78 6.38
CA PHE A 25 10.43 -2.71 6.12
C PHE A 25 11.17 -2.15 7.33
N PHE A 26 10.58 -1.16 7.98
CA PHE A 26 11.18 -0.54 9.15
C PHE A 26 11.41 -1.57 10.25
N TYR A 27 10.38 -2.36 10.54
CA TYR A 27 10.47 -3.38 11.58
C TYR A 27 11.53 -4.42 11.23
N GLY A 28 11.46 -4.95 10.02
CA GLY A 28 12.41 -5.95 9.58
C GLY A 28 13.85 -5.47 9.72
N LYS A 29 14.07 -4.19 9.45
CA LYS A 29 15.40 -3.61 9.55
C LYS A 29 15.78 -3.36 11.00
N LYS A 30 14.79 -3.09 11.84
CA LYS A 30 15.02 -2.84 13.25
C LYS A 30 15.19 -4.14 14.02
N ARG A 31 16.39 -4.36 14.54
CA ARG A 31 16.68 -5.57 15.30
C ARG A 31 18.05 -5.47 15.97
N GLY A 1 -14.83 -3.22 -15.58
CA GLY A 1 -13.70 -4.11 -15.75
C GLY A 1 -13.45 -4.95 -14.51
N GLY A 2 -12.88 -4.34 -13.49
CA GLY A 2 -12.59 -5.05 -12.25
C GLY A 2 -12.23 -4.12 -11.11
N LEU A 3 -12.94 -4.26 -9.99
CA LEU A 3 -12.69 -3.43 -8.82
C LEU A 3 -11.33 -3.74 -8.20
N HIS A 4 -10.97 -5.02 -8.20
CA HIS A 4 -9.69 -5.44 -7.65
C HIS A 4 -8.54 -4.68 -8.28
N VAL A 5 -8.64 -4.45 -9.58
CA VAL A 5 -7.61 -3.73 -10.32
C VAL A 5 -7.77 -2.22 -10.15
N LEU A 6 -9.00 -1.75 -10.24
CA LEU A 6 -9.29 -0.32 -10.10
C LEU A 6 -8.81 0.19 -8.75
N LEU A 7 -8.85 -0.66 -7.74
CA LEU A 7 -8.41 -0.30 -6.39
C LEU A 7 -6.99 0.24 -6.42
N THR A 8 -6.15 -0.32 -7.28
CA THR A 8 -4.77 0.11 -7.40
C THR A 8 -4.67 1.50 -8.02
N ALA A 9 -5.60 1.81 -8.92
CA ALA A 9 -5.63 3.10 -9.59
C ALA A 9 -6.21 4.18 -8.67
N THR A 10 -7.33 3.85 -8.03
CA THR A 10 -7.99 4.79 -7.13
C THR A 10 -7.04 5.27 -6.04
N PRO A 11 -7.36 6.42 -5.43
CA PRO A 11 -6.55 7.02 -4.35
C PRO A 11 -6.60 6.20 -3.07
N VAL A 12 -7.75 5.59 -2.80
CA VAL A 12 -7.92 4.78 -1.60
C VAL A 12 -6.83 3.72 -1.50
N GLY A 13 -6.47 3.12 -2.63
CA GLY A 13 -5.45 2.10 -2.64
C GLY A 13 -4.07 2.67 -2.35
N LEU A 14 -3.81 3.87 -2.84
CA LEU A 14 -2.51 4.52 -2.63
C LEU A 14 -2.26 4.75 -1.15
N THR A 15 -3.29 5.24 -0.45
CA THR A 15 -3.17 5.50 0.99
C THR A 15 -2.68 4.28 1.74
N LEU A 16 -3.10 3.10 1.29
CA LEU A 16 -2.70 1.85 1.92
C LEU A 16 -1.26 1.49 1.56
N LEU A 17 -0.91 1.68 0.30
CA LEU A 17 0.43 1.38 -0.17
C LEU A 17 1.48 2.06 0.70
N ILE A 18 1.24 3.33 1.01
CA ILE A 18 2.17 4.09 1.85
C ILE A 18 2.30 3.46 3.24
N VAL A 19 1.19 2.94 3.76
CA VAL A 19 1.17 2.31 5.07
C VAL A 19 1.93 0.99 5.06
N LEU A 20 1.48 0.07 4.22
CA LEU A 20 2.11 -1.24 4.10
C LEU A 20 3.59 -1.10 3.78
N ALA A 21 3.91 -0.17 2.88
CA ALA A 21 5.29 0.05 2.47
C ALA A 21 6.10 0.65 3.62
N ALA A 22 5.53 1.65 4.28
CA ALA A 22 6.21 2.31 5.40
C ALA A 22 6.62 1.29 6.46
N LEU A 23 5.71 0.39 6.79
CA LEU A 23 5.98 -0.64 7.80
C LEU A 23 7.15 -1.53 7.36
N GLY A 24 7.13 -1.95 6.10
CA GLY A 24 8.19 -2.80 5.59
C GLY A 24 9.53 -2.11 5.60
N PHE A 25 9.58 -0.88 5.10
CA PHE A 25 10.82 -0.11 5.06
C PHE A 25 11.39 0.09 6.45
N PHE A 26 10.53 0.51 7.38
CA PHE A 26 10.94 0.75 8.75
C PHE A 26 11.59 -0.50 9.34
N TYR A 27 10.92 -1.63 9.20
CA TYR A 27 11.43 -2.90 9.71
C TYR A 27 12.79 -3.22 9.11
N GLY A 28 12.88 -3.15 7.79
CA GLY A 28 14.13 -3.44 7.10
C GLY A 28 15.27 -2.58 7.59
N LYS A 29 14.98 -1.30 7.83
CA LYS A 29 16.01 -0.36 8.29
C LYS A 29 16.30 -0.59 9.78
N LYS A 30 15.29 -1.04 10.52
CA LYS A 30 15.44 -1.29 11.94
C LYS A 30 16.31 -2.54 12.18
N ARG A 31 17.47 -2.33 12.81
CA ARG A 31 18.38 -3.43 13.10
C ARG A 31 18.73 -4.19 11.83
N GLY A 1 -12.29 -6.25 -14.11
CA GLY A 1 -11.55 -5.36 -13.22
C GLY A 1 -11.98 -5.51 -11.77
N GLY A 2 -11.12 -6.13 -10.96
CA GLY A 2 -11.43 -6.33 -9.56
C GLY A 2 -11.03 -5.14 -8.71
N LEU A 3 -11.38 -5.18 -7.43
CA LEU A 3 -11.05 -4.10 -6.50
C LEU A 3 -9.54 -3.88 -6.44
N HIS A 4 -8.79 -4.98 -6.50
CA HIS A 4 -7.33 -4.91 -6.45
C HIS A 4 -6.79 -3.98 -7.53
N VAL A 5 -7.44 -3.99 -8.70
CA VAL A 5 -7.03 -3.15 -9.81
C VAL A 5 -7.62 -1.75 -9.68
N LEU A 6 -8.89 -1.69 -9.31
CA LEU A 6 -9.58 -0.41 -9.16
C LEU A 6 -8.85 0.49 -8.16
N LEU A 7 -8.21 -0.13 -7.18
CA LEU A 7 -7.48 0.61 -6.16
C LEU A 7 -6.43 1.52 -6.80
N THR A 8 -5.78 1.01 -7.85
CA THR A 8 -4.76 1.78 -8.55
C THR A 8 -5.35 3.04 -9.18
N ALA A 9 -6.61 2.95 -9.61
CA ALA A 9 -7.28 4.08 -10.23
C ALA A 9 -7.84 5.03 -9.17
N THR A 10 -8.41 4.46 -8.11
CA THR A 10 -8.98 5.25 -7.03
C THR A 10 -7.90 5.84 -6.13
N PRO A 11 -8.25 6.89 -5.39
CA PRO A 11 -7.32 7.57 -4.48
C PRO A 11 -6.97 6.71 -3.27
N VAL A 12 -7.93 5.91 -2.82
CA VAL A 12 -7.73 5.03 -1.67
C VAL A 12 -6.48 4.18 -1.84
N GLY A 13 -6.40 3.48 -2.97
CA GLY A 13 -5.25 2.63 -3.24
C GLY A 13 -3.94 3.39 -3.16
N LEU A 14 -3.91 4.59 -3.73
CA LEU A 14 -2.71 5.41 -3.72
C LEU A 14 -2.25 5.69 -2.29
N THR A 15 -3.20 5.99 -1.42
CA THR A 15 -2.89 6.28 -0.02
C THR A 15 -2.43 5.02 0.70
N LEU A 16 -3.00 3.89 0.33
CA LEU A 16 -2.65 2.61 0.94
C LEU A 16 -1.21 2.21 0.59
N LEU A 17 -0.80 2.52 -0.64
CA LEU A 17 0.55 2.21 -1.09
C LEU A 17 1.59 2.73 -0.11
N ILE A 18 1.35 3.93 0.42
CA ILE A 18 2.27 4.54 1.38
C ILE A 18 2.33 3.74 2.67
N VAL A 19 1.16 3.35 3.17
CA VAL A 19 1.07 2.57 4.40
C VAL A 19 1.74 1.21 4.25
N LEU A 20 1.32 0.47 3.23
CA LEU A 20 1.88 -0.86 2.97
C LEU A 20 3.39 -0.78 2.78
N ALA A 21 3.83 0.17 1.98
CA ALA A 21 5.25 0.36 1.71
C ALA A 21 6.02 0.63 2.99
N ALA A 22 5.51 1.57 3.80
CA ALA A 22 6.15 1.93 5.06
C ALA A 22 6.29 0.71 5.97
N LEU A 23 5.17 0.03 6.21
CA LEU A 23 5.16 -1.15 7.07
C LEU A 23 6.12 -2.21 6.54
N GLY A 24 6.12 -2.40 5.23
CA GLY A 24 7.00 -3.38 4.62
C GLY A 24 8.47 -3.07 4.85
N PHE A 25 8.81 -1.78 4.81
CA PHE A 25 10.19 -1.35 5.01
C PHE A 25 10.60 -1.54 6.46
N PHE A 26 9.74 -1.13 7.39
CA PHE A 26 10.02 -1.26 8.81
C PHE A 26 10.29 -2.70 9.19
N TYR A 27 9.40 -3.60 8.76
CA TYR A 27 9.53 -5.02 9.06
C TYR A 27 10.73 -5.62 8.32
N GLY A 28 10.89 -5.22 7.06
CA GLY A 28 11.99 -5.73 6.25
C GLY A 28 13.33 -5.52 6.92
N LYS A 29 13.48 -4.38 7.58
CA LYS A 29 14.73 -4.05 8.27
C LYS A 29 14.76 -4.64 9.67
N LYS A 30 13.58 -4.77 10.27
CA LYS A 30 13.48 -5.32 11.62
C LYS A 30 14.07 -6.72 11.68
N ARG A 31 14.70 -7.04 12.81
CA ARG A 31 15.32 -8.34 13.00
C ARG A 31 16.30 -8.65 11.87
N GLY A 1 -13.85 -9.85 -10.97
CA GLY A 1 -12.89 -9.17 -10.11
C GLY A 1 -12.27 -7.98 -10.80
N GLY A 2 -12.99 -6.85 -10.82
CA GLY A 2 -12.48 -5.65 -11.44
C GLY A 2 -12.12 -4.58 -10.44
N LEU A 3 -12.95 -4.43 -9.41
CA LEU A 3 -12.72 -3.43 -8.38
C LEU A 3 -11.34 -3.60 -7.75
N HIS A 4 -10.94 -4.86 -7.55
CA HIS A 4 -9.64 -5.16 -6.96
C HIS A 4 -8.52 -4.45 -7.73
N VAL A 5 -8.66 -4.40 -9.04
CA VAL A 5 -7.67 -3.77 -9.89
C VAL A 5 -7.80 -2.25 -9.87
N LEU A 6 -9.03 -1.77 -10.02
CA LEU A 6 -9.31 -0.34 -10.01
C LEU A 6 -8.81 0.30 -8.72
N LEU A 7 -8.84 -0.46 -7.64
CA LEU A 7 -8.38 0.02 -6.34
C LEU A 7 -6.98 0.61 -6.44
N THR A 8 -6.14 -0.02 -7.26
CA THR A 8 -4.77 0.44 -7.44
C THR A 8 -4.72 1.76 -8.19
N ALA A 9 -5.69 1.96 -9.09
CA ALA A 9 -5.76 3.20 -9.87
C ALA A 9 -6.35 4.34 -9.04
N THR A 10 -7.44 4.05 -8.34
CA THR A 10 -8.10 5.05 -7.51
C THR A 10 -7.13 5.64 -6.49
N PRO A 11 -7.49 6.83 -5.98
CA PRO A 11 -6.66 7.53 -4.99
C PRO A 11 -6.67 6.83 -3.63
N VAL A 12 -7.79 6.22 -3.29
CA VAL A 12 -7.92 5.50 -2.03
C VAL A 12 -6.82 4.46 -1.86
N GLY A 13 -6.45 3.83 -2.97
CA GLY A 13 -5.42 2.82 -2.93
C GLY A 13 -4.06 3.39 -2.58
N LEU A 14 -3.76 4.56 -3.13
CA LEU A 14 -2.47 5.22 -2.87
C LEU A 14 -2.23 5.39 -1.38
N THR A 15 -3.26 5.85 -0.67
CA THR A 15 -3.16 6.06 0.77
C THR A 15 -2.73 4.78 1.48
N LEU A 16 -3.19 3.65 0.97
CA LEU A 16 -2.86 2.35 1.55
C LEU A 16 -1.47 1.90 1.12
N LEU A 17 -1.12 2.19 -0.13
CA LEU A 17 0.18 1.82 -0.67
C LEU A 17 1.31 2.38 0.19
N ILE A 18 1.12 3.61 0.67
CA ILE A 18 2.13 4.26 1.51
C ILE A 18 2.32 3.50 2.82
N VAL A 19 1.24 2.96 3.36
CA VAL A 19 1.30 2.20 4.59
C VAL A 19 2.03 0.88 4.41
N LEU A 20 1.71 0.20 3.30
CA LEU A 20 2.34 -1.09 3.00
C LEU A 20 3.86 -0.94 2.90
N ALA A 21 4.31 0.15 2.29
CA ALA A 21 5.73 0.41 2.13
C ALA A 21 6.36 0.85 3.45
N ALA A 22 5.64 1.68 4.20
CA ALA A 22 6.12 2.17 5.48
C ALA A 22 6.46 1.01 6.42
N LEU A 23 5.58 0.03 6.48
CA LEU A 23 5.80 -1.14 7.34
C LEU A 23 7.09 -1.85 6.97
N GLY A 24 7.21 -2.22 5.70
CA GLY A 24 8.40 -2.91 5.23
C GLY A 24 9.68 -2.16 5.58
N PHE A 25 9.66 -0.86 5.38
CA PHE A 25 10.82 -0.02 5.67
C PHE A 25 11.21 -0.11 7.15
N PHE A 26 10.20 -0.06 8.02
CA PHE A 26 10.42 -0.13 9.45
C PHE A 26 11.10 -1.44 9.83
N TYR A 27 10.50 -2.55 9.43
CA TYR A 27 11.04 -3.87 9.72
C TYR A 27 12.46 -4.01 9.21
N GLY A 28 12.67 -3.59 7.95
CA GLY A 28 14.00 -3.66 7.36
C GLY A 28 15.05 -3.00 8.21
N LYS A 29 14.79 -1.78 8.65
CA LYS A 29 15.72 -1.03 9.48
C LYS A 29 15.84 -1.65 10.87
N LYS A 30 14.75 -2.26 11.32
CA LYS A 30 14.73 -2.90 12.64
C LYS A 30 15.75 -4.02 12.72
N ARG A 31 16.69 -3.90 13.66
CA ARG A 31 17.73 -4.91 13.84
C ARG A 31 17.41 -5.81 15.02
N GLY A 1 -15.60 -7.29 -12.10
CA GLY A 1 -15.34 -6.32 -11.06
C GLY A 1 -14.02 -6.55 -10.35
N GLY A 2 -12.93 -6.17 -11.01
CA GLY A 2 -11.61 -6.36 -10.42
C GLY A 2 -11.25 -5.26 -9.44
N LEU A 3 -12.02 -5.16 -8.36
CA LEU A 3 -11.78 -4.15 -7.34
C LEU A 3 -10.33 -4.19 -6.86
N HIS A 4 -9.77 -5.39 -6.78
CA HIS A 4 -8.39 -5.56 -6.35
C HIS A 4 -7.44 -4.75 -7.22
N VAL A 5 -7.67 -4.78 -8.52
CA VAL A 5 -6.83 -4.05 -9.47
C VAL A 5 -7.23 -2.58 -9.53
N LEU A 6 -8.53 -2.32 -9.52
CA LEU A 6 -9.05 -0.96 -9.58
C LEU A 6 -8.54 -0.14 -8.39
N LEU A 7 -8.34 -0.81 -7.27
CA LEU A 7 -7.85 -0.14 -6.06
C LEU A 7 -6.56 0.64 -6.35
N THR A 8 -5.73 0.07 -7.21
CA THR A 8 -4.46 0.71 -7.58
C THR A 8 -4.70 1.93 -8.46
N ALA A 9 -5.73 1.87 -9.28
CA ALA A 9 -6.06 2.96 -10.18
C ALA A 9 -6.76 4.10 -9.42
N THR A 10 -7.64 3.73 -8.49
CA THR A 10 -8.36 4.72 -7.71
C THR A 10 -7.41 5.58 -6.88
N PRO A 11 -7.89 6.75 -6.46
CA PRO A 11 -7.10 7.69 -5.65
C PRO A 11 -6.84 7.17 -4.24
N VAL A 12 -7.86 6.54 -3.66
CA VAL A 12 -7.74 5.99 -2.31
C VAL A 12 -6.52 5.10 -2.17
N GLY A 13 -6.20 4.37 -3.25
CA GLY A 13 -5.05 3.50 -3.22
C GLY A 13 -3.78 4.21 -2.80
N LEU A 14 -3.58 5.41 -3.30
CA LEU A 14 -2.41 6.20 -2.98
C LEU A 14 -2.25 6.34 -1.46
N THR A 15 -3.37 6.52 -0.77
CA THR A 15 -3.36 6.68 0.67
C THR A 15 -2.86 5.40 1.36
N LEU A 16 -3.20 4.26 0.77
CA LEU A 16 -2.79 2.96 1.32
C LEU A 16 -1.32 2.69 1.02
N LEU A 17 -0.88 3.11 -0.16
CA LEU A 17 0.51 2.91 -0.58
C LEU A 17 1.47 3.41 0.48
N ILE A 18 1.11 4.52 1.12
CA ILE A 18 1.95 5.12 2.15
C ILE A 18 2.17 4.14 3.31
N VAL A 19 1.07 3.54 3.79
CA VAL A 19 1.15 2.59 4.89
C VAL A 19 1.94 1.35 4.48
N LEU A 20 1.59 0.77 3.35
CA LEU A 20 2.28 -0.42 2.86
C LEU A 20 3.78 -0.19 2.78
N ALA A 21 4.18 1.00 2.34
CA ALA A 21 5.59 1.35 2.23
C ALA A 21 6.26 1.35 3.60
N ALA A 22 5.69 2.10 4.54
CA ALA A 22 6.24 2.19 5.88
C ALA A 22 6.41 0.81 6.49
N LEU A 23 5.32 0.04 6.56
CA LEU A 23 5.36 -1.30 7.13
C LEU A 23 6.36 -2.17 6.38
N GLY A 24 6.44 -1.99 5.07
CA GLY A 24 7.37 -2.77 4.26
C GLY A 24 8.81 -2.49 4.61
N PHE A 25 9.22 -1.23 4.52
CA PHE A 25 10.59 -0.84 4.82
C PHE A 25 10.94 -1.19 6.27
N PHE A 26 9.98 -1.05 7.16
CA PHE A 26 10.19 -1.35 8.57
C PHE A 26 10.35 -2.84 8.79
N TYR A 27 9.34 -3.61 8.39
CA TYR A 27 9.37 -5.06 8.54
C TYR A 27 10.62 -5.65 7.91
N GLY A 28 10.98 -5.15 6.73
CA GLY A 28 12.15 -5.63 6.03
C GLY A 28 13.44 -5.28 6.76
N LYS A 29 13.46 -4.11 7.38
CA LYS A 29 14.64 -3.65 8.10
C LYS A 29 14.82 -4.43 9.40
N LYS A 30 13.70 -4.88 9.97
CA LYS A 30 13.73 -5.65 11.21
C LYS A 30 14.51 -6.95 11.02
N ARG A 31 15.53 -7.14 11.84
CA ARG A 31 16.36 -8.35 11.76
C ARG A 31 15.76 -9.47 12.61
N GLY A 1 -11.96 -10.12 -11.34
CA GLY A 1 -11.07 -8.99 -11.58
C GLY A 1 -11.82 -7.69 -11.78
N GLY A 2 -11.79 -6.84 -10.76
CA GLY A 2 -12.48 -5.56 -10.84
C GLY A 2 -12.04 -4.60 -9.77
N LEU A 3 -12.68 -4.67 -8.60
CA LEU A 3 -12.35 -3.79 -7.49
C LEU A 3 -10.87 -3.87 -7.16
N HIS A 4 -10.32 -5.08 -7.16
CA HIS A 4 -8.91 -5.28 -6.87
C HIS A 4 -8.04 -4.40 -7.74
N VAL A 5 -8.41 -4.28 -9.01
CA VAL A 5 -7.66 -3.46 -9.96
C VAL A 5 -8.01 -1.98 -9.81
N LEU A 6 -9.30 -1.70 -9.65
CA LEU A 6 -9.77 -0.34 -9.50
C LEU A 6 -9.12 0.33 -8.30
N LEU A 7 -8.82 -0.46 -7.27
CA LEU A 7 -8.19 0.05 -6.06
C LEU A 7 -6.91 0.83 -6.39
N THR A 8 -6.19 0.36 -7.40
CA THR A 8 -4.96 1.01 -7.82
C THR A 8 -5.24 2.35 -8.50
N ALA A 9 -6.37 2.43 -9.18
CA ALA A 9 -6.76 3.65 -9.88
C ALA A 9 -7.30 4.69 -8.89
N THR A 10 -8.16 4.25 -7.99
CA THR A 10 -8.75 5.14 -7.00
C THR A 10 -7.66 5.90 -6.23
N PRO A 11 -8.04 7.03 -5.61
CA PRO A 11 -7.13 7.86 -4.84
C PRO A 11 -6.68 7.18 -3.55
N VAL A 12 -7.59 6.46 -2.92
CA VAL A 12 -7.29 5.76 -1.67
C VAL A 12 -6.14 4.77 -1.86
N GLY A 13 -6.09 4.16 -3.03
CA GLY A 13 -5.03 3.20 -3.32
C GLY A 13 -3.66 3.75 -3.05
N LEU A 14 -3.37 4.91 -3.63
CA LEU A 14 -2.07 5.56 -3.46
C LEU A 14 -1.75 5.74 -1.98
N THR A 15 -2.72 6.25 -1.23
CA THR A 15 -2.54 6.48 0.20
C THR A 15 -2.23 5.17 0.93
N LEU A 16 -2.84 4.08 0.46
CA LEU A 16 -2.63 2.77 1.06
C LEU A 16 -1.26 2.22 0.72
N LEU A 17 -0.82 2.46 -0.51
CA LEU A 17 0.49 1.99 -0.98
C LEU A 17 1.59 2.44 -0.02
N ILE A 18 1.50 3.69 0.42
CA ILE A 18 2.50 4.24 1.33
C ILE A 18 2.50 3.50 2.66
N VAL A 19 1.31 3.29 3.22
CA VAL A 19 1.18 2.58 4.49
C VAL A 19 1.81 1.19 4.41
N LEU A 20 1.36 0.40 3.44
CA LEU A 20 1.88 -0.95 3.26
C LEU A 20 3.39 -0.94 3.13
N ALA A 21 3.90 -0.09 2.23
CA ALA A 21 5.34 0.02 2.01
C ALA A 21 6.06 0.40 3.30
N ALA A 22 5.44 1.29 4.08
CA ALA A 22 6.04 1.73 5.33
C ALA A 22 6.17 0.58 6.32
N LEU A 23 5.17 -0.30 6.34
CA LEU A 23 5.18 -1.45 7.24
C LEU A 23 6.36 -2.36 6.93
N GLY A 24 6.59 -2.61 5.65
CA GLY A 24 7.70 -3.46 5.24
C GLY A 24 9.05 -2.87 5.56
N PHE A 25 9.24 -1.60 5.20
CA PHE A 25 10.50 -0.92 5.46
C PHE A 25 10.79 -0.86 6.95
N PHE A 26 9.81 -0.41 7.73
CA PHE A 26 9.97 -0.30 9.17
C PHE A 26 10.32 -1.65 9.78
N TYR A 27 9.66 -2.70 9.31
CA TYR A 27 9.89 -4.05 9.81
C TYR A 27 11.32 -4.49 9.53
N GLY A 28 11.75 -4.33 8.27
CA GLY A 28 13.10 -4.72 7.89
C GLY A 28 14.16 -3.98 8.68
N LYS A 29 13.95 -2.68 8.88
CA LYS A 29 14.89 -1.85 9.62
C LYS A 29 14.84 -2.17 11.12
N LYS A 30 13.67 -2.57 11.59
CA LYS A 30 13.48 -2.92 12.99
C LYS A 30 13.92 -4.35 13.26
N ARG A 31 14.53 -4.57 14.42
CA ARG A 31 14.99 -5.90 14.81
C ARG A 31 14.90 -6.10 16.31
N GLY A 1 -10.43 -9.77 -12.23
CA GLY A 1 -11.05 -9.42 -10.96
C GLY A 1 -12.03 -8.28 -11.09
N GLY A 2 -11.68 -7.13 -10.50
CA GLY A 2 -12.55 -5.98 -10.56
C GLY A 2 -12.12 -4.88 -9.61
N LEU A 3 -12.43 -5.04 -8.33
CA LEU A 3 -12.07 -4.05 -7.32
C LEU A 3 -10.57 -4.03 -7.10
N HIS A 4 -9.94 -5.21 -7.14
CA HIS A 4 -8.50 -5.32 -6.95
C HIS A 4 -7.75 -4.40 -7.90
N VAL A 5 -8.26 -4.28 -9.12
CA VAL A 5 -7.64 -3.43 -10.13
C VAL A 5 -8.03 -1.97 -9.94
N LEU A 6 -9.33 -1.74 -9.74
CA LEU A 6 -9.84 -0.38 -9.54
C LEU A 6 -9.08 0.32 -8.42
N LEU A 7 -8.65 -0.45 -7.43
CA LEU A 7 -7.91 0.11 -6.29
C LEU A 7 -6.70 0.92 -6.77
N THR A 8 -6.07 0.44 -7.84
CA THR A 8 -4.90 1.12 -8.39
C THR A 8 -5.29 2.46 -9.02
N ALA A 9 -6.49 2.52 -9.58
CA ALA A 9 -6.98 3.73 -10.20
C ALA A 9 -7.48 4.73 -9.16
N THR A 10 -8.33 4.27 -8.25
CA THR A 10 -8.87 5.12 -7.20
C THR A 10 -7.76 5.78 -6.40
N PRO A 11 -8.09 6.88 -5.71
CA PRO A 11 -7.14 7.63 -4.90
C PRO A 11 -6.71 6.87 -3.65
N VAL A 12 -7.63 6.09 -3.09
CA VAL A 12 -7.35 5.30 -1.90
C VAL A 12 -6.10 4.44 -2.08
N GLY A 13 -5.92 3.94 -3.30
CA GLY A 13 -4.77 3.11 -3.59
C GLY A 13 -3.46 3.78 -3.23
N LEU A 14 -3.33 5.06 -3.58
CA LEU A 14 -2.12 5.82 -3.28
C LEU A 14 -1.87 5.88 -1.78
N THR A 15 -2.94 6.01 -1.01
CA THR A 15 -2.84 6.08 0.44
C THR A 15 -2.41 4.73 1.03
N LEU A 16 -2.87 3.65 0.41
CA LEU A 16 -2.54 2.31 0.86
C LEU A 16 -1.07 2.00 0.62
N LEU A 17 -0.57 2.40 -0.55
CA LEU A 17 0.83 2.18 -0.91
C LEU A 17 1.77 2.73 0.17
N ILE A 18 1.40 3.87 0.74
CA ILE A 18 2.20 4.50 1.78
C ILE A 18 2.22 3.65 3.04
N VAL A 19 1.09 3.03 3.34
CA VAL A 19 0.98 2.18 4.53
C VAL A 19 1.81 0.92 4.39
N LEU A 20 1.67 0.25 3.24
CA LEU A 20 2.42 -0.98 2.97
C LEU A 20 3.92 -0.71 2.92
N ALA A 21 4.29 0.38 2.25
CA ALA A 21 5.69 0.75 2.14
C ALA A 21 6.29 1.10 3.50
N ALA A 22 5.56 1.87 4.28
CA ALA A 22 6.01 2.28 5.61
C ALA A 22 6.30 1.06 6.48
N LEU A 23 5.32 0.17 6.59
CA LEU A 23 5.45 -1.04 7.39
C LEU A 23 6.49 -1.98 6.79
N GLY A 24 6.54 -2.03 5.47
CA GLY A 24 7.49 -2.89 4.78
C GLY A 24 8.92 -2.48 5.06
N PHE A 25 9.22 -1.19 4.87
CA PHE A 25 10.57 -0.68 5.09
C PHE A 25 10.94 -0.75 6.57
N PHE A 26 10.03 -0.30 7.42
CA PHE A 26 10.27 -0.32 8.87
C PHE A 26 10.59 -1.73 9.35
N TYR A 27 9.73 -2.68 9.02
CA TYR A 27 9.93 -4.06 9.42
C TYR A 27 11.20 -4.64 8.79
N GLY A 28 11.34 -4.47 7.48
CA GLY A 28 12.50 -4.97 6.78
C GLY A 28 13.80 -4.51 7.41
N LYS A 29 13.90 -3.21 7.69
CA LYS A 29 15.10 -2.64 8.30
C LYS A 29 15.23 -3.08 9.75
N LYS A 30 14.09 -3.30 10.39
CA LYS A 30 14.07 -3.73 11.79
C LYS A 30 14.70 -5.11 11.95
N ARG A 31 15.64 -5.23 12.87
CA ARG A 31 16.32 -6.50 13.11
C ARG A 31 15.41 -7.47 13.84
N GLY A 1 -13.07 -4.35 -15.47
CA GLY A 1 -12.20 -5.42 -15.00
C GLY A 1 -12.61 -5.93 -13.63
N GLY A 2 -12.22 -5.21 -12.59
CA GLY A 2 -12.55 -5.62 -11.24
C GLY A 2 -12.12 -4.60 -10.20
N LEU A 3 -12.64 -4.74 -8.99
CA LEU A 3 -12.31 -3.82 -7.90
C LEU A 3 -10.85 -3.97 -7.48
N HIS A 4 -10.36 -5.21 -7.49
CA HIS A 4 -8.99 -5.49 -7.11
C HIS A 4 -8.02 -4.65 -7.93
N VAL A 5 -8.35 -4.42 -9.19
CA VAL A 5 -7.51 -3.63 -10.08
C VAL A 5 -7.80 -2.14 -9.93
N LEU A 6 -9.09 -1.80 -9.82
CA LEU A 6 -9.50 -0.42 -9.67
C LEU A 6 -8.87 0.21 -8.42
N LEU A 7 -8.66 -0.62 -7.39
CA LEU A 7 -8.07 -0.16 -6.15
C LEU A 7 -6.75 0.58 -6.41
N THR A 8 -6.00 0.10 -7.40
CA THR A 8 -4.72 0.70 -7.74
C THR A 8 -4.92 2.07 -8.38
N ALA A 9 -6.02 2.23 -9.11
CA ALA A 9 -6.33 3.49 -9.76
C ALA A 9 -6.89 4.50 -8.77
N THR A 10 -7.87 4.07 -7.98
CA THR A 10 -8.50 4.93 -6.99
C THR A 10 -7.47 5.51 -6.04
N PRO A 11 -7.83 6.62 -5.37
CA PRO A 11 -6.95 7.30 -4.41
C PRO A 11 -6.75 6.48 -3.14
N VAL A 12 -7.78 5.75 -2.74
CA VAL A 12 -7.70 4.93 -1.54
C VAL A 12 -6.50 4.01 -1.57
N GLY A 13 -6.19 3.50 -2.76
CA GLY A 13 -5.05 2.61 -2.91
C GLY A 13 -3.73 3.32 -2.72
N LEU A 14 -3.64 4.55 -3.19
CA LEU A 14 -2.41 5.34 -3.07
C LEU A 14 -2.01 5.48 -1.60
N THR A 15 -2.97 5.84 -0.76
CA THR A 15 -2.72 6.01 0.67
C THR A 15 -2.29 4.70 1.31
N LEU A 16 -2.85 3.59 0.82
CA LEU A 16 -2.52 2.27 1.35
C LEU A 16 -1.11 1.86 0.93
N LEU A 17 -0.76 2.16 -0.30
CA LEU A 17 0.57 1.82 -0.83
C LEU A 17 1.67 2.34 0.09
N ILE A 18 1.49 3.56 0.60
CA ILE A 18 2.45 4.17 1.49
C ILE A 18 2.56 3.39 2.81
N VAL A 19 1.41 2.99 3.33
CA VAL A 19 1.36 2.24 4.59
C VAL A 19 2.12 0.92 4.45
N LEU A 20 1.74 0.11 3.47
CA LEU A 20 2.38 -1.17 3.25
C LEU A 20 3.89 -1.02 3.10
N ALA A 21 4.31 -0.09 2.24
CA ALA A 21 5.72 0.16 2.02
C ALA A 21 6.41 0.58 3.31
N ALA A 22 5.77 1.48 4.05
CA ALA A 22 6.33 1.97 5.31
C ALA A 22 6.60 0.81 6.27
N LEU A 23 5.69 -0.16 6.28
CA LEU A 23 5.84 -1.32 7.16
C LEU A 23 7.09 -2.12 6.81
N GLY A 24 7.20 -2.51 5.55
CA GLY A 24 8.36 -3.27 5.11
C GLY A 24 9.67 -2.54 5.37
N PHE A 25 9.66 -1.23 5.20
CA PHE A 25 10.85 -0.43 5.42
C PHE A 25 11.21 -0.36 6.89
N PHE A 26 10.18 -0.21 7.73
CA PHE A 26 10.38 -0.14 9.18
C PHE A 26 11.04 -1.41 9.70
N TYR A 27 10.45 -2.55 9.36
CA TYR A 27 10.97 -3.84 9.79
C TYR A 27 12.42 -4.03 9.33
N GLY A 28 12.66 -3.76 8.05
CA GLY A 28 14.00 -3.90 7.50
C GLY A 28 15.04 -3.14 8.31
N LYS A 29 14.70 -1.90 8.68
CA LYS A 29 15.61 -1.07 9.45
C LYS A 29 15.70 -1.53 10.89
N LYS A 30 14.60 -2.11 11.38
CA LYS A 30 14.55 -2.60 12.76
C LYS A 30 15.33 -3.91 12.90
N ARG A 31 16.41 -3.87 13.67
CA ARG A 31 17.24 -5.05 13.89
C ARG A 31 16.79 -5.81 15.13
N GLY A 1 -12.52 -4.51 -15.92
CA GLY A 1 -13.32 -3.69 -15.04
C GLY A 1 -13.71 -4.41 -13.77
N GLY A 2 -12.85 -4.35 -12.76
CA GLY A 2 -13.13 -5.02 -11.49
C GLY A 2 -12.65 -4.22 -10.31
N LEU A 3 -13.13 -4.59 -9.12
CA LEU A 3 -12.73 -3.90 -7.89
C LEU A 3 -11.23 -4.00 -7.65
N HIS A 4 -10.67 -5.17 -7.96
CA HIS A 4 -9.24 -5.39 -7.79
C HIS A 4 -8.43 -4.40 -8.61
N VAL A 5 -8.91 -4.09 -9.81
CA VAL A 5 -8.22 -3.16 -10.69
C VAL A 5 -8.51 -1.72 -10.27
N LEU A 6 -9.78 -1.41 -10.04
CA LEU A 6 -10.19 -0.07 -9.64
C LEU A 6 -9.41 0.38 -8.40
N LEU A 7 -9.07 -0.56 -7.55
CA LEU A 7 -8.32 -0.26 -6.33
C LEU A 7 -7.04 0.51 -6.65
N THR A 8 -6.41 0.17 -7.77
CA THR A 8 -5.19 0.83 -8.19
C THR A 8 -5.46 2.28 -8.63
N ALA A 9 -6.64 2.49 -9.20
CA ALA A 9 -7.03 3.83 -9.65
C ALA A 9 -7.45 4.70 -8.49
N THR A 10 -8.34 4.18 -7.65
CA THR A 10 -8.83 4.92 -6.49
C THR A 10 -7.69 5.40 -5.62
N PRO A 11 -7.96 6.42 -4.80
CA PRO A 11 -6.96 7.00 -3.89
C PRO A 11 -6.58 6.04 -2.75
N VAL A 12 -7.55 5.26 -2.30
CA VAL A 12 -7.32 4.31 -1.23
C VAL A 12 -6.14 3.41 -1.53
N GLY A 13 -5.98 3.04 -2.80
CA GLY A 13 -4.88 2.19 -3.20
C GLY A 13 -3.54 2.90 -3.13
N LEU A 14 -3.51 4.16 -3.55
CA LEU A 14 -2.27 4.94 -3.53
C LEU A 14 -1.80 5.16 -2.10
N THR A 15 -2.71 5.61 -1.24
CA THR A 15 -2.37 5.86 0.17
C THR A 15 -1.96 4.57 0.87
N LEU A 16 -2.59 3.47 0.48
CA LEU A 16 -2.28 2.17 1.08
C LEU A 16 -0.85 1.73 0.74
N LEU A 17 -0.47 1.90 -0.53
CA LEU A 17 0.86 1.54 -0.98
C LEU A 17 1.93 2.16 -0.09
N ILE A 18 1.70 3.40 0.33
CA ILE A 18 2.63 4.10 1.19
C ILE A 18 2.77 3.42 2.54
N VAL A 19 1.65 2.97 3.09
CA VAL A 19 1.65 2.30 4.38
C VAL A 19 2.44 1.00 4.32
N LEU A 20 2.15 0.18 3.31
CA LEU A 20 2.84 -1.09 3.14
C LEU A 20 4.35 -0.89 3.13
N ALA A 21 4.81 -0.01 2.26
CA ALA A 21 6.24 0.28 2.15
C ALA A 21 6.81 0.81 3.46
N ALA A 22 6.00 1.61 4.16
CA ALA A 22 6.42 2.18 5.44
C ALA A 22 6.78 1.09 6.43
N LEU A 23 5.86 0.15 6.64
CA LEU A 23 6.09 -0.95 7.57
C LEU A 23 7.34 -1.75 7.18
N GLY A 24 7.49 -1.99 5.89
CA GLY A 24 8.64 -2.74 5.40
C GLY A 24 9.96 -2.09 5.79
N PHE A 25 10.04 -0.77 5.63
CA PHE A 25 11.24 -0.04 5.97
C PHE A 25 11.40 0.09 7.47
N PHE A 26 10.32 0.43 8.16
CA PHE A 26 10.34 0.58 9.61
C PHE A 26 10.76 -0.71 10.28
N TYR A 27 10.18 -1.82 9.86
CA TYR A 27 10.49 -3.12 10.43
C TYR A 27 11.87 -3.60 9.97
N GLY A 28 12.22 -3.28 8.73
CA GLY A 28 13.51 -3.69 8.19
C GLY A 28 14.67 -3.13 8.99
N LYS A 29 14.64 -1.82 9.23
CA LYS A 29 15.69 -1.17 9.99
C LYS A 29 15.56 -1.46 11.49
N LYS A 30 14.32 -1.66 11.93
CA LYS A 30 14.05 -1.95 13.34
C LYS A 30 14.84 -3.17 13.79
N ARG A 31 15.56 -3.02 14.90
CA ARG A 31 16.36 -4.12 15.45
C ARG A 31 17.26 -4.71 14.37
N GLY A 1 -13.93 -6.67 -13.39
CA GLY A 1 -14.02 -5.86 -12.20
C GLY A 1 -12.99 -6.26 -11.15
N GLY A 2 -11.76 -5.79 -11.32
CA GLY A 2 -10.71 -6.11 -10.38
C GLY A 2 -10.42 -4.97 -9.42
N LEU A 3 -10.99 -5.05 -8.22
CA LEU A 3 -10.79 -4.01 -7.22
C LEU A 3 -9.32 -3.94 -6.80
N HIS A 4 -8.67 -5.08 -6.75
CA HIS A 4 -7.26 -5.14 -6.36
C HIS A 4 -6.42 -4.21 -7.23
N VAL A 5 -6.73 -4.18 -8.53
CA VAL A 5 -6.00 -3.33 -9.46
C VAL A 5 -6.53 -1.90 -9.45
N LEU A 6 -7.86 -1.77 -9.47
CA LEU A 6 -8.51 -0.47 -9.45
C LEU A 6 -8.01 0.36 -8.27
N LEU A 7 -7.69 -0.31 -7.17
CA LEU A 7 -7.20 0.37 -5.98
C LEU A 7 -6.01 1.26 -6.30
N THR A 8 -5.12 0.76 -7.15
CA THR A 8 -3.94 1.53 -7.55
C THR A 8 -4.32 2.83 -8.23
N ALA A 9 -5.44 2.81 -8.94
CA ALA A 9 -5.92 4.00 -9.64
C ALA A 9 -6.70 4.90 -8.69
N THR A 10 -7.68 4.34 -7.99
CA THR A 10 -8.49 5.10 -7.06
C THR A 10 -7.64 5.70 -5.95
N PRO A 11 -8.19 6.74 -5.29
CA PRO A 11 -7.48 7.43 -4.20
C PRO A 11 -7.38 6.57 -2.94
N VAL A 12 -8.41 5.78 -2.68
CA VAL A 12 -8.43 4.91 -1.52
C VAL A 12 -7.20 4.02 -1.48
N GLY A 13 -7.02 3.21 -2.52
CA GLY A 13 -5.87 2.32 -2.58
C GLY A 13 -4.56 3.06 -2.52
N LEU A 14 -4.50 4.21 -3.20
CA LEU A 14 -3.28 5.02 -3.21
C LEU A 14 -2.80 5.31 -1.79
N THR A 15 -3.71 5.79 -0.95
CA THR A 15 -3.37 6.11 0.43
C THR A 15 -2.89 4.87 1.17
N LEU A 16 -3.46 3.72 0.84
CA LEU A 16 -3.09 2.47 1.48
C LEU A 16 -1.70 2.01 1.03
N LEU A 17 -1.41 2.22 -0.25
CA LEU A 17 -0.11 1.84 -0.80
C LEU A 17 1.02 2.43 0.01
N ILE A 18 0.90 3.72 0.32
CA ILE A 18 1.93 4.42 1.10
C ILE A 18 2.09 3.79 2.48
N VAL A 19 0.97 3.46 3.11
CA VAL A 19 0.99 2.84 4.43
C VAL A 19 1.64 1.45 4.39
N LEU A 20 1.09 0.58 3.56
CA LEU A 20 1.62 -0.77 3.43
C LEU A 20 3.11 -0.75 3.10
N ALA A 21 3.49 0.04 2.11
CA ALA A 21 4.88 0.15 1.70
C ALA A 21 5.76 0.55 2.88
N ALA A 22 5.26 1.48 3.69
CA ALA A 22 6.00 1.94 4.86
C ALA A 22 6.27 0.81 5.83
N LEU A 23 5.22 0.11 6.24
CA LEU A 23 5.35 -1.01 7.16
C LEU A 23 6.29 -2.08 6.61
N GLY A 24 6.15 -2.36 5.32
CA GLY A 24 7.00 -3.35 4.68
C GLY A 24 8.46 -2.99 4.74
N PHE A 25 8.77 -1.71 4.48
CA PHE A 25 10.14 -1.24 4.50
C PHE A 25 10.74 -1.34 5.90
N PHE A 26 10.01 -0.81 6.88
CA PHE A 26 10.46 -0.84 8.27
C PHE A 26 10.62 -2.26 8.76
N TYR A 27 9.66 -3.12 8.43
CA TYR A 27 9.69 -4.51 8.84
C TYR A 27 10.92 -5.22 8.28
N GLY A 28 11.20 -4.98 7.00
CA GLY A 28 12.34 -5.60 6.37
C GLY A 28 13.66 -5.15 6.97
N LYS A 29 13.72 -3.88 7.36
CA LYS A 29 14.93 -3.31 7.96
C LYS A 29 15.07 -3.75 9.41
N LYS A 30 13.94 -3.98 10.08
CA LYS A 30 13.93 -4.40 11.47
C LYS A 30 14.35 -5.86 11.59
N ARG A 31 15.32 -6.12 12.46
CA ARG A 31 15.82 -7.47 12.67
C ARG A 31 15.63 -7.90 14.12
#